data_3ROH
#
_entry.id   3ROH
#
_cell.length_a   133.904
_cell.length_b   133.904
_cell.length_c   64.473
_cell.angle_alpha   90.00
_cell.angle_beta   90.00
_cell.angle_gamma   90.00
#
_symmetry.space_group_name_H-M   'I 4'
#
loop_
_entity.id
_entity.type
_entity.pdbx_description
1 polymer 'Leucotoxin LukEv'
2 non-polymer 'TRIETHYLENE GLYCOL'
3 non-polymer 'CHLORIDE ION'
4 water water
#
_entity_poly.entity_id   1
_entity_poly.type   'polypeptide(L)'
_entity_poly.pdbx_seq_one_letter_code
;MGSSHHHHHHENLYFQGMMFKKKMLAATLSVGLIAPLASPIQESRANTNIENIGDGAEVIKRTEDVSSKKWGVTQNVQFD
FVKDKKYNKDALIVKMQGFINSRTSFSDVKGSGYELTKRMIWPFQYNIGLTTKDPNVSLINYLPKNKIETTDVGQTLGYN
IGGNFQSAPSIGGNGSFNYSKTISYTQKSYVSEVDKQNSKSVKWGVKANEFVTPDGKKSAHDRYLFVQSPNGPTGSAREY
FAPDNQLPPLVQSGFNPSFITTLSHEKGSSDTSEFEISYGRNLDITYATLFPRTGIYAERKHNAFVNRNFVVRYEVNWKT
HEIKVKGHN
;
_entity_poly.pdbx_strand_id   A
#
loop_
_chem_comp.id
_chem_comp.type
_chem_comp.name
_chem_comp.formula
CL non-polymer 'CHLORIDE ION' 'Cl -1'
PGE non-polymer 'TRIETHYLENE GLYCOL' 'C6 H14 O4'
#
# COMPACT_ATOMS: atom_id res chain seq x y z
N THR A 48 13.43 9.12 22.80
CA THR A 48 12.62 9.61 21.64
C THR A 48 11.40 8.68 21.34
N ASN A 49 10.92 8.00 22.39
CA ASN A 49 9.77 7.10 22.30
C ASN A 49 8.54 7.65 23.04
N ILE A 50 8.69 8.79 23.72
CA ILE A 50 7.60 9.46 24.47
C ILE A 50 7.65 10.96 24.19
N GLU A 51 6.52 11.53 23.82
CA GLU A 51 6.45 12.97 23.52
C GLU A 51 5.35 13.70 24.28
N ASN A 52 5.69 14.87 24.80
CA ASN A 52 4.75 15.72 25.50
C ASN A 52 4.02 16.52 24.43
N ILE A 53 2.69 16.48 24.42
CA ILE A 53 1.91 17.22 23.43
C ILE A 53 1.06 18.34 24.05
N GLY A 54 1.21 18.54 25.35
CA GLY A 54 0.46 19.55 26.08
C GLY A 54 -0.38 18.87 27.13
N ASP A 55 -0.68 19.58 28.23
CA ASP A 55 -1.47 19.05 29.34
C ASP A 55 -0.88 17.73 29.84
N GLY A 56 -1.64 16.99 30.63
CA GLY A 56 -1.21 15.70 31.12
C GLY A 56 -1.50 14.73 30.00
N ALA A 57 -0.94 15.05 28.82
CA ALA A 57 -1.12 14.25 27.62
C ALA A 57 0.20 14.06 26.91
N GLU A 58 0.44 12.83 26.50
CA GLU A 58 1.67 12.48 25.82
C GLU A 58 1.42 11.35 24.83
N VAL A 59 2.34 11.19 23.89
CA VAL A 59 2.22 10.14 22.90
C VAL A 59 3.38 9.17 23.00
N ILE A 60 3.06 7.89 23.23
CA ILE A 60 4.06 6.84 23.32
C ILE A 60 4.23 6.29 21.90
N LYS A 61 5.41 6.51 21.33
CA LYS A 61 5.73 6.08 19.97
C LYS A 61 6.45 4.74 19.93
N ARG A 62 5.83 3.76 19.30
CA ARG A 62 6.41 2.43 19.15
C ARG A 62 6.41 2.10 17.67
N THR A 63 7.39 1.31 17.25
CA THR A 63 7.50 0.93 15.85
C THR A 63 7.93 -0.51 15.69
N GLU A 64 7.44 -1.13 14.61
CA GLU A 64 7.76 -2.51 14.26
C GLU A 64 8.21 -2.52 12.80
N ASP A 65 9.08 -3.49 12.49
CA ASP A 65 9.61 -3.68 11.16
C ASP A 65 9.60 -5.17 10.89
N VAL A 66 8.67 -5.61 10.05
CA VAL A 66 8.55 -7.01 9.70
C VAL A 66 8.63 -7.09 8.18
N SER A 67 9.47 -7.99 7.68
CA SER A 67 9.64 -8.14 6.25
C SER A 67 9.47 -9.59 5.81
N SER A 68 9.38 -9.80 4.50
CA SER A 68 9.22 -11.13 3.91
C SER A 68 9.81 -11.21 2.51
N LYS A 69 10.78 -12.11 2.30
CA LYS A 69 11.36 -12.23 0.95
C LYS A 69 10.36 -12.95 0.04
N LYS A 70 9.65 -13.92 0.61
CA LYS A 70 8.65 -14.68 -0.13
C LYS A 70 7.68 -13.71 -0.78
N TRP A 71 7.06 -12.86 0.02
CA TRP A 71 6.10 -11.92 -0.51
C TRP A 71 6.72 -10.63 -1.09
N GLY A 72 7.99 -10.39 -0.77
CA GLY A 72 8.69 -9.19 -1.25
C GLY A 72 7.97 -7.96 -0.71
N VAL A 73 7.88 -7.90 0.61
CA VAL A 73 7.21 -6.83 1.32
C VAL A 73 7.94 -6.49 2.60
N THR A 74 7.82 -5.24 3.02
CA THR A 74 8.43 -4.77 4.27
C THR A 74 7.42 -3.84 4.94
N GLN A 75 7.08 -4.15 6.18
CA GLN A 75 6.14 -3.33 6.90
C GLN A 75 6.91 -2.51 7.92
N ASN A 76 6.88 -1.20 7.73
CA ASN A 76 7.51 -0.24 8.62
C ASN A 76 6.36 0.53 9.20
N VAL A 77 5.80 -0.01 10.28
CA VAL A 77 4.66 0.60 10.92
C VAL A 77 5.06 1.40 12.16
N GLN A 78 4.28 2.45 12.46
CA GLN A 78 4.48 3.30 13.62
C GLN A 78 3.19 3.28 14.42
N PHE A 79 3.23 2.78 15.64
CA PHE A 79 2.05 2.70 16.48
C PHE A 79 2.15 3.75 17.58
N ASP A 80 1.45 4.86 17.41
CA ASP A 80 1.48 5.93 18.39
C ASP A 80 0.30 5.88 19.33
N PHE A 81 0.58 5.59 20.61
CA PHE A 81 -0.44 5.55 21.66
C PHE A 81 -0.69 6.97 22.12
N VAL A 82 -1.95 7.31 22.30
CA VAL A 82 -2.32 8.65 22.76
C VAL A 82 -2.76 8.60 24.22
N LYS A 83 -1.88 9.08 25.10
CA LYS A 83 -2.13 9.17 26.54
C LYS A 83 -2.78 10.52 26.83
N ASP A 84 -4.07 10.52 27.18
CA ASP A 84 -4.75 11.78 27.46
C ASP A 84 -5.82 11.61 28.50
N LYS A 85 -5.54 12.10 29.71
CA LYS A 85 -6.50 12.02 30.82
C LYS A 85 -7.85 12.62 30.46
N LYS A 86 -7.85 13.72 29.70
CA LYS A 86 -9.08 14.41 29.33
C LYS A 86 -9.89 13.71 28.23
N TYR A 87 -9.43 12.54 27.79
CA TYR A 87 -10.11 11.76 26.75
C TYR A 87 -10.18 10.32 27.24
N ASN A 88 -11.34 9.96 27.79
CA ASN A 88 -11.58 8.64 28.36
C ASN A 88 -11.61 7.43 27.40
N LYS A 89 -10.70 7.40 26.44
CA LYS A 89 -10.63 6.29 25.48
C LYS A 89 -9.20 6.13 24.95
N ASP A 90 -8.69 4.91 24.96
CA ASP A 90 -7.35 4.64 24.44
C ASP A 90 -7.40 4.88 22.94
N ALA A 91 -6.32 5.40 22.37
CA ALA A 91 -6.26 5.66 20.95
C ALA A 91 -4.89 5.30 20.42
N LEU A 92 -4.85 4.56 19.32
CA LEU A 92 -3.59 4.16 18.71
C LEU A 92 -3.62 4.62 17.26
N ILE A 93 -2.70 5.51 16.90
CA ILE A 93 -2.61 6.01 15.53
C ILE A 93 -1.62 5.12 14.80
N VAL A 94 -2.11 4.27 13.90
CA VAL A 94 -1.22 3.37 13.16
C VAL A 94 -0.89 3.95 11.79
N LYS A 95 0.42 4.18 11.56
CA LYS A 95 0.92 4.72 10.30
C LYS A 95 1.71 3.64 9.58
N MET A 96 1.11 3.13 8.51
CA MET A 96 1.65 2.06 7.69
C MET A 96 2.54 2.51 6.54
N GLN A 97 3.81 2.14 6.62
CA GLN A 97 4.78 2.45 5.58
C GLN A 97 5.58 1.22 5.28
N GLY A 98 6.53 1.36 4.37
CA GLY A 98 7.38 0.25 3.99
C GLY A 98 7.59 0.20 2.50
N PHE A 99 7.53 -1.01 1.93
CA PHE A 99 7.73 -1.19 0.52
C PHE A 99 7.11 -2.48 0.02
N ILE A 100 6.34 -2.38 -1.05
CA ILE A 100 5.71 -3.53 -1.69
C ILE A 100 6.36 -3.65 -3.07
N ASN A 101 7.18 -4.67 -3.22
CA ASN A 101 7.89 -4.92 -4.46
C ASN A 101 6.93 -5.07 -5.62
N SER A 102 7.21 -4.38 -6.73
CA SER A 102 6.35 -4.46 -7.92
C SER A 102 6.19 -5.91 -8.35
N ARG A 103 7.27 -6.68 -8.19
CA ARG A 103 7.28 -8.10 -8.51
C ARG A 103 7.26 -8.29 -10.05
N THR A 104 7.59 -7.22 -10.77
CA THR A 104 7.60 -7.22 -12.22
C THR A 104 8.69 -8.12 -12.71
N SER A 105 8.37 -8.95 -13.70
CA SER A 105 9.31 -9.89 -14.26
C SER A 105 9.04 -10.13 -15.73
N PHE A 106 10.11 -10.23 -16.51
CA PHE A 106 10.04 -10.47 -17.93
C PHE A 106 10.71 -11.81 -18.13
N SER A 107 10.10 -12.73 -18.87
CA SER A 107 10.74 -14.03 -19.07
C SER A 107 10.26 -14.81 -20.29
N ASP A 108 11.00 -15.87 -20.60
CA ASP A 108 10.67 -16.74 -21.72
C ASP A 108 9.51 -17.57 -21.27
N VAL A 109 8.83 -18.20 -22.22
CA VAL A 109 7.70 -19.08 -21.93
C VAL A 109 8.11 -20.47 -22.36
N LYS A 110 8.21 -21.35 -21.39
CA LYS A 110 8.59 -22.75 -21.59
C LYS A 110 7.58 -23.48 -22.49
N GLY A 111 8.05 -24.52 -23.18
CA GLY A 111 7.20 -25.33 -24.06
C GLY A 111 7.37 -25.02 -25.53
N SER A 112 7.36 -26.06 -26.37
CA SER A 112 7.52 -25.87 -27.82
C SER A 112 6.29 -25.16 -28.40
N GLY A 113 6.56 -24.24 -29.34
CA GLY A 113 5.53 -23.44 -29.98
C GLY A 113 5.47 -22.08 -29.31
N TYR A 114 6.20 -21.94 -28.20
CA TYR A 114 6.25 -20.70 -27.44
C TYR A 114 7.64 -20.09 -27.41
N GLU A 115 8.51 -20.50 -28.34
CA GLU A 115 9.87 -19.97 -28.35
C GLU A 115 9.88 -18.47 -28.59
N LEU A 116 8.88 -17.97 -29.31
CA LEU A 116 8.78 -16.54 -29.60
C LEU A 116 7.68 -15.84 -28.78
N THR A 117 7.19 -16.50 -27.73
CA THR A 117 6.17 -15.93 -26.86
C THR A 117 6.85 -15.57 -25.55
N LYS A 118 6.86 -14.29 -25.21
CA LYS A 118 7.49 -13.83 -23.99
C LYS A 118 6.45 -13.33 -22.99
N ARG A 119 6.80 -13.38 -21.70
CA ARG A 119 5.87 -13.01 -20.65
C ARG A 119 6.30 -11.92 -19.68
N MET A 120 5.45 -10.91 -19.51
CA MET A 120 5.70 -9.81 -18.56
C MET A 120 4.65 -9.80 -17.47
N ILE A 121 5.08 -10.01 -16.22
CA ILE A 121 4.18 -9.99 -15.07
C ILE A 121 4.37 -8.69 -14.32
N TRP A 122 3.29 -7.99 -14.01
CA TRP A 122 3.37 -6.71 -13.32
C TRP A 122 2.20 -6.42 -12.40
N PRO A 123 2.39 -5.49 -11.46
CA PRO A 123 1.34 -5.16 -10.49
C PRO A 123 0.25 -4.22 -11.02
N PHE A 124 -0.96 -4.75 -11.17
CA PHE A 124 -2.06 -3.95 -11.64
C PHE A 124 -2.61 -3.13 -10.47
N GLN A 125 -2.45 -3.63 -9.25
CA GLN A 125 -2.92 -2.92 -8.07
C GLN A 125 -2.16 -3.31 -6.81
N TYR A 126 -1.84 -2.32 -5.97
CA TYR A 126 -1.18 -2.58 -4.68
C TYR A 126 -2.26 -2.58 -3.61
N ASN A 127 -2.12 -3.44 -2.62
CA ASN A 127 -3.11 -3.58 -1.54
C ASN A 127 -2.58 -3.30 -0.14
N ILE A 128 -3.20 -2.34 0.54
CA ILE A 128 -2.84 -2.00 1.91
C ILE A 128 -4.10 -2.12 2.74
N GLY A 129 -4.02 -2.79 3.88
CA GLY A 129 -5.19 -2.96 4.73
C GLY A 129 -4.90 -3.35 6.17
N LEU A 130 -5.87 -3.07 7.04
CA LEU A 130 -5.80 -3.37 8.45
C LEU A 130 -7.16 -3.78 8.95
N THR A 131 -7.24 -4.99 9.50
CA THR A 131 -8.49 -5.51 10.02
C THR A 131 -8.29 -5.99 11.46
N THR A 132 -9.35 -5.91 12.26
CA THR A 132 -9.33 -6.36 13.65
C THR A 132 -10.62 -7.12 13.94
N LYS A 133 -10.58 -7.99 14.94
CA LYS A 133 -11.75 -8.79 15.28
C LYS A 133 -12.23 -8.52 16.71
N ASP A 134 -11.31 -8.15 17.59
CA ASP A 134 -11.67 -7.86 18.97
C ASP A 134 -12.82 -6.85 18.98
N PRO A 135 -13.95 -7.21 19.63
CA PRO A 135 -15.09 -6.31 19.72
C PRO A 135 -14.73 -4.96 20.33
N ASN A 136 -13.80 -4.98 21.28
CA ASN A 136 -13.35 -3.76 21.99
C ASN A 136 -12.76 -2.65 21.12
N VAL A 137 -12.22 -3.01 19.95
CA VAL A 137 -11.60 -2.04 19.04
C VAL A 137 -12.44 -1.60 17.84
N SER A 138 -12.32 -0.31 17.50
CA SER A 138 -13.00 0.31 16.36
C SER A 138 -12.08 1.30 15.66
N LEU A 139 -12.22 1.43 14.34
CA LEU A 139 -11.42 2.37 13.56
C LEU A 139 -12.19 3.67 13.49
N ILE A 140 -11.65 4.72 14.12
CA ILE A 140 -12.34 6.02 14.13
C ILE A 140 -11.97 6.95 12.96
N ASN A 141 -10.80 6.74 12.36
CA ASN A 141 -10.39 7.58 11.21
C ASN A 141 -9.39 6.86 10.30
N TYR A 142 -9.24 7.37 9.09
CA TYR A 142 -8.30 6.77 8.14
C TYR A 142 -7.95 7.71 7.00
N LEU A 143 -6.69 7.70 6.60
CA LEU A 143 -6.18 8.53 5.51
C LEU A 143 -5.39 7.68 4.54
N PRO A 144 -5.65 7.83 3.22
CA PRO A 144 -6.64 8.74 2.63
C PRO A 144 -8.08 8.31 2.89
N LYS A 145 -8.94 9.29 3.17
CA LYS A 145 -10.34 9.03 3.45
C LYS A 145 -11.11 8.79 2.17
N ASN A 146 -10.80 9.56 1.15
CA ASN A 146 -11.48 9.46 -0.13
C ASN A 146 -10.54 9.13 -1.27
N LYS A 147 -11.13 8.87 -2.43
CA LYS A 147 -10.40 8.55 -3.63
C LYS A 147 -9.54 9.75 -4.02
N ILE A 148 -8.25 9.52 -4.16
CA ILE A 148 -7.32 10.57 -4.56
C ILE A 148 -6.58 10.01 -5.76
N GLU A 149 -6.56 10.77 -6.86
CA GLU A 149 -5.90 10.27 -8.07
C GLU A 149 -4.79 11.16 -8.65
N THR A 150 -4.24 12.05 -7.84
CA THR A 150 -3.13 12.91 -8.27
C THR A 150 -1.86 12.07 -8.14
N THR A 151 -0.76 12.49 -8.77
CA THR A 151 0.51 11.74 -8.70
C THR A 151 1.03 11.67 -7.29
N ASP A 152 0.94 12.77 -6.56
CA ASP A 152 1.42 12.84 -5.19
C ASP A 152 0.25 12.89 -4.20
N VAL A 153 0.38 12.11 -3.14
CA VAL A 153 -0.63 12.05 -2.10
C VAL A 153 0.07 12.55 -0.84
N GLY A 154 -0.47 13.61 -0.23
CA GLY A 154 0.09 14.19 0.97
C GLY A 154 -1.05 14.68 1.83
N GLN A 155 -1.25 14.02 2.98
CA GLN A 155 -2.32 14.40 3.89
C GLN A 155 -1.83 14.46 5.32
N THR A 156 -2.64 15.04 6.20
CA THR A 156 -2.29 15.19 7.60
C THR A 156 -3.40 14.79 8.55
N LEU A 157 -3.06 14.04 9.59
CA LEU A 157 -4.03 13.67 10.62
C LEU A 157 -3.65 14.54 11.82
N GLY A 158 -4.61 15.31 12.33
CA GLY A 158 -4.33 16.18 13.46
C GLY A 158 -5.06 15.71 14.70
N TYR A 159 -4.52 16.08 15.87
CA TYR A 159 -5.11 15.72 17.15
C TYR A 159 -4.95 16.77 18.24
N ASN A 160 -6.07 17.12 18.88
CA ASN A 160 -6.09 18.06 20.00
C ASN A 160 -6.61 17.34 21.22
N ILE A 161 -6.20 17.81 22.40
CA ILE A 161 -6.62 17.21 23.67
C ILE A 161 -8.15 17.16 23.77
N GLY A 162 -8.64 16.11 24.39
CA GLY A 162 -10.07 15.90 24.56
C GLY A 162 -10.65 14.97 23.51
N GLY A 163 -9.76 14.21 22.85
CA GLY A 163 -10.15 13.24 21.82
C GLY A 163 -10.64 13.82 20.51
N ASN A 164 -10.08 14.95 20.10
CA ASN A 164 -10.48 15.61 18.86
C ASN A 164 -9.53 15.39 17.68
N PHE A 165 -9.94 14.55 16.75
CA PHE A 165 -9.16 14.25 15.53
C PHE A 165 -9.80 14.91 14.34
N GLN A 166 -8.97 15.30 13.37
CA GLN A 166 -9.49 15.86 12.11
C GLN A 166 -8.39 15.68 11.08
N SER A 167 -8.78 15.40 9.84
CA SER A 167 -7.82 15.19 8.78
C SER A 167 -7.90 16.31 7.77
N ALA A 168 -6.79 16.53 7.06
CA ALA A 168 -6.70 17.56 6.04
C ALA A 168 -5.96 16.97 4.85
N PRO A 169 -6.51 17.12 3.63
CA PRO A 169 -5.81 16.57 2.47
C PRO A 169 -4.68 17.48 1.98
N SER A 170 -3.74 17.78 2.87
CA SER A 170 -2.63 18.65 2.55
C SER A 170 -1.61 18.64 3.70
N ILE A 171 -0.33 18.71 3.37
CA ILE A 171 0.72 18.73 4.38
C ILE A 171 1.14 20.19 4.64
N GLY A 172 0.21 21.12 4.48
CA GLY A 172 0.49 22.53 4.68
C GLY A 172 0.53 22.90 6.15
N GLY A 173 -0.10 24.03 6.49
CA GLY A 173 -0.14 24.51 7.87
C GLY A 173 -1.34 24.00 8.66
N ASN A 174 -1.48 24.48 9.91
CA ASN A 174 -0.54 25.44 10.48
C ASN A 174 -0.43 25.30 12.01
N GLY A 175 0.04 24.13 12.44
CA GLY A 175 0.25 23.83 13.86
C GLY A 175 -0.84 24.28 14.84
N SER A 176 -2.08 23.91 14.56
CA SER A 176 -3.21 24.23 15.42
C SER A 176 -3.62 22.93 16.12
N PHE A 177 -2.75 21.92 16.04
CA PHE A 177 -2.99 20.64 16.67
C PHE A 177 -1.95 20.38 17.72
N ASN A 178 -2.32 19.60 18.73
CA ASN A 178 -1.39 19.22 19.80
C ASN A 178 -0.43 18.17 19.26
N TYR A 179 -0.89 17.37 18.30
CA TYR A 179 -0.07 16.34 17.68
C TYR A 179 -0.60 16.04 16.28
N SER A 180 0.31 15.77 15.35
CA SER A 180 -0.08 15.46 13.98
C SER A 180 0.84 14.42 13.37
N LYS A 181 0.28 13.61 12.47
CA LYS A 181 1.01 12.56 11.80
C LYS A 181 0.62 12.75 10.34
N THR A 182 1.56 12.62 9.41
CA THR A 182 1.23 12.83 8.00
C THR A 182 1.62 11.70 7.07
N ILE A 183 0.85 11.52 5.99
CA ILE A 183 1.16 10.50 5.00
C ILE A 183 1.68 11.20 3.75
N SER A 184 2.47 10.47 2.98
CA SER A 184 3.07 11.02 1.78
C SER A 184 3.58 9.92 0.87
N TYR A 185 3.12 9.90 -0.37
CA TYR A 185 3.58 8.91 -1.33
C TYR A 185 3.22 9.31 -2.76
N THR A 186 4.00 8.82 -3.72
CA THR A 186 3.77 9.13 -5.13
C THR A 186 3.20 7.89 -5.82
N GLN A 187 2.37 8.10 -6.84
CA GLN A 187 1.74 7.00 -7.56
C GLN A 187 1.59 7.27 -9.06
N LYS A 188 2.61 7.87 -9.67
CA LYS A 188 2.60 8.17 -11.09
C LYS A 188 1.84 7.07 -11.85
N SER A 189 0.87 7.47 -12.67
CA SER A 189 0.05 6.55 -13.50
C SER A 189 -0.93 5.62 -12.76
N TYR A 190 -1.05 5.78 -11.45
CA TYR A 190 -1.97 4.97 -10.63
C TYR A 190 -2.96 5.84 -9.88
N VAL A 191 -3.97 5.21 -9.30
CA VAL A 191 -5.01 5.90 -8.55
C VAL A 191 -5.33 5.21 -7.23
N SER A 192 -5.47 6.00 -6.17
CA SER A 192 -5.77 5.46 -4.85
C SER A 192 -7.25 5.53 -4.56
N GLU A 193 -7.77 4.49 -3.92
CA GLU A 193 -9.19 4.43 -3.54
C GLU A 193 -9.40 3.50 -2.34
N VAL A 194 -10.43 3.80 -1.55
CA VAL A 194 -10.75 3.00 -0.37
C VAL A 194 -11.75 1.92 -0.73
N ASP A 195 -11.22 0.75 -1.08
CA ASP A 195 -12.03 -0.42 -1.49
C ASP A 195 -13.09 -0.84 -0.47
N LYS A 196 -12.69 -0.95 0.80
CA LYS A 196 -13.58 -1.35 1.86
C LYS A 196 -13.27 -0.56 3.12
N GLN A 197 -14.27 -0.41 3.97
CA GLN A 197 -14.10 0.29 5.24
C GLN A 197 -15.33 0.12 6.13
N ASN A 198 -15.09 -0.04 7.43
CA ASN A 198 -16.12 -0.18 8.45
C ASN A 198 -15.44 0.02 9.81
N SER A 199 -16.15 -0.24 10.91
CA SER A 199 -15.54 -0.04 12.23
C SER A 199 -14.42 -1.05 12.51
N LYS A 200 -14.46 -2.21 11.87
CA LYS A 200 -13.46 -3.25 12.12
C LYS A 200 -12.32 -3.33 11.12
N SER A 201 -12.40 -2.61 10.00
CA SER A 201 -11.32 -2.67 9.01
C SER A 201 -11.37 -1.59 7.95
N VAL A 202 -10.25 -1.43 7.26
CA VAL A 202 -10.11 -0.47 6.19
C VAL A 202 -9.19 -1.11 5.17
N LYS A 203 -9.42 -0.84 3.90
CA LYS A 203 -8.60 -1.43 2.87
C LYS A 203 -8.46 -0.51 1.67
N TRP A 204 -7.22 -0.12 1.36
CA TRP A 204 -6.96 0.75 0.24
C TRP A 204 -6.43 -0.04 -0.94
N GLY A 205 -6.55 0.56 -2.12
CA GLY A 205 -6.09 -0.04 -3.35
C GLY A 205 -5.48 1.02 -4.25
N VAL A 206 -4.26 0.78 -4.70
CA VAL A 206 -3.56 1.69 -5.59
C VAL A 206 -3.56 1.02 -6.97
N LYS A 207 -4.62 1.29 -7.75
CA LYS A 207 -4.82 0.73 -9.10
C LYS A 207 -4.12 1.41 -10.26
N ALA A 208 -3.79 0.60 -11.27
CA ALA A 208 -3.17 1.08 -12.48
C ALA A 208 -4.27 1.86 -13.21
N ASN A 209 -3.94 3.06 -13.66
CA ASN A 209 -4.93 3.88 -14.32
C ASN A 209 -4.60 4.24 -15.77
N GLU A 210 -3.71 5.21 -15.97
CA GLU A 210 -3.35 5.66 -17.31
C GLU A 210 -1.83 5.84 -17.41
N PHE A 211 -1.26 5.44 -18.55
CA PHE A 211 0.17 5.51 -18.76
C PHE A 211 0.62 6.32 -19.98
N VAL A 212 1.76 7.01 -19.84
CA VAL A 212 2.31 7.80 -20.93
C VAL A 212 3.12 6.87 -21.81
N THR A 213 2.89 6.93 -23.12
CA THR A 213 3.56 6.07 -24.09
C THR A 213 4.14 6.91 -25.21
N PRO A 214 5.07 6.33 -26.01
CA PRO A 214 5.61 7.09 -27.14
C PRO A 214 4.49 7.75 -27.94
N ASP A 215 3.43 6.98 -28.20
CA ASP A 215 2.25 7.45 -28.94
C ASP A 215 1.07 7.69 -27.99
N GLY A 216 1.05 8.86 -27.36
CA GLY A 216 0.00 9.27 -26.44
C GLY A 216 -0.26 8.39 -25.23
N LYS A 217 -1.36 8.66 -24.55
CA LYS A 217 -1.76 7.95 -23.35
C LYS A 217 -2.30 6.56 -23.70
N LYS A 218 -2.41 5.71 -22.69
CA LYS A 218 -2.95 4.34 -22.84
C LYS A 218 -3.52 3.91 -21.49
N SER A 219 -4.65 3.20 -21.49
CA SER A 219 -5.27 2.78 -20.23
C SER A 219 -4.62 1.52 -19.70
N ALA A 220 -4.94 1.22 -18.45
CA ALA A 220 -4.40 0.05 -17.78
C ALA A 220 -4.99 -1.22 -18.37
N HIS A 221 -6.10 -1.09 -19.09
CA HIS A 221 -6.75 -2.27 -19.70
C HIS A 221 -6.32 -2.54 -21.14
N ASP A 222 -5.60 -1.61 -21.76
CA ASP A 222 -5.11 -1.77 -23.12
C ASP A 222 -4.21 -3.00 -23.15
N ARG A 223 -4.65 -4.02 -23.86
CA ARG A 223 -3.89 -5.29 -23.94
C ARG A 223 -2.45 -5.10 -24.40
N TYR A 224 -2.21 -4.19 -25.33
CA TYR A 224 -0.85 -3.95 -25.82
C TYR A 224 -0.01 -3.02 -24.94
N LEU A 225 -0.44 -2.78 -23.71
CA LEU A 225 0.31 -1.92 -22.82
C LEU A 225 1.68 -2.55 -22.58
N PHE A 226 2.72 -1.73 -22.63
CA PHE A 226 4.12 -2.15 -22.41
C PHE A 226 4.73 -3.12 -23.42
N VAL A 227 4.03 -3.46 -24.51
CA VAL A 227 4.63 -4.40 -25.48
C VAL A 227 5.32 -3.61 -26.59
N GLN A 228 6.26 -4.27 -27.28
CA GLN A 228 6.99 -3.65 -28.38
C GLN A 228 7.73 -4.74 -29.17
N SER A 229 7.94 -4.53 -30.47
CA SER A 229 8.67 -5.53 -31.26
C SER A 229 10.13 -5.45 -30.79
N PRO A 230 10.80 -6.62 -30.66
CA PRO A 230 12.16 -6.66 -30.17
C PRO A 230 13.31 -6.44 -31.18
N ASN A 231 13.00 -6.08 -32.43
CA ASN A 231 14.05 -5.87 -33.45
C ASN A 231 14.84 -7.14 -33.73
N GLY A 232 14.13 -8.22 -34.08
CA GLY A 232 14.74 -9.52 -34.38
C GLY A 232 14.18 -10.66 -33.57
N PRO A 233 14.08 -11.86 -34.19
CA PRO A 233 13.56 -13.05 -33.51
C PRO A 233 14.52 -13.56 -32.43
N THR A 234 15.80 -13.20 -32.56
CA THR A 234 16.86 -13.58 -31.61
C THR A 234 16.90 -12.63 -30.40
N GLY A 235 15.91 -11.74 -30.29
CA GLY A 235 15.86 -10.78 -29.20
C GLY A 235 15.48 -11.38 -27.86
N SER A 236 16.04 -10.80 -26.81
CA SER A 236 15.80 -11.23 -25.43
C SER A 236 14.37 -10.98 -24.97
N ALA A 237 13.92 -11.70 -23.95
CA ALA A 237 12.55 -11.53 -23.42
C ALA A 237 12.28 -10.08 -23.08
N ARG A 238 13.22 -9.46 -22.39
CA ARG A 238 13.08 -8.06 -21.97
C ARG A 238 12.81 -7.13 -23.15
N GLU A 239 13.48 -7.38 -24.29
CA GLU A 239 13.31 -6.53 -25.47
C GLU A 239 11.89 -6.55 -26.04
N TYR A 240 11.07 -7.53 -25.63
CA TYR A 240 9.67 -7.60 -26.08
C TYR A 240 8.79 -6.62 -25.32
N PHE A 241 9.35 -5.97 -24.30
CA PHE A 241 8.55 -5.02 -23.50
C PHE A 241 9.21 -3.65 -23.34
N ALA A 242 8.41 -2.67 -22.94
CA ALA A 242 8.88 -1.30 -22.75
C ALA A 242 10.11 -1.23 -21.84
N PRO A 243 11.11 -0.40 -22.20
CA PRO A 243 12.32 -0.25 -21.38
C PRO A 243 12.04 0.45 -20.05
N ASP A 244 12.92 0.26 -19.09
CA ASP A 244 12.76 0.86 -17.77
C ASP A 244 12.45 2.38 -17.75
N ASN A 245 12.97 3.14 -18.72
CA ASN A 245 12.73 4.59 -18.76
C ASN A 245 11.26 4.96 -19.07
N GLN A 246 10.51 4.03 -19.67
CA GLN A 246 9.10 4.25 -19.99
C GLN A 246 8.21 3.63 -18.93
N LEU A 247 8.78 2.88 -18.02
CA LEU A 247 8.03 2.24 -16.94
C LEU A 247 8.07 3.12 -15.68
N PRO A 248 6.90 3.42 -15.09
CA PRO A 248 6.90 4.24 -13.89
C PRO A 248 7.28 3.40 -12.68
N PRO A 249 7.71 4.05 -11.60
CA PRO A 249 8.12 3.43 -10.35
C PRO A 249 7.21 2.29 -9.86
N LEU A 250 5.90 2.52 -9.82
CA LEU A 250 5.00 1.47 -9.34
C LEU A 250 5.04 0.19 -10.18
N VAL A 251 5.47 0.29 -11.43
CA VAL A 251 5.56 -0.88 -12.29
C VAL A 251 6.97 -1.43 -12.23
N GLN A 252 7.93 -0.57 -12.51
CA GLN A 252 9.32 -0.96 -12.52
C GLN A 252 9.86 -1.41 -11.16
N SER A 253 9.83 -0.53 -10.16
CA SER A 253 10.38 -0.83 -8.83
C SER A 253 9.40 -1.43 -7.83
N GLY A 254 8.46 -0.62 -7.35
CA GLY A 254 7.50 -1.09 -6.37
C GLY A 254 6.74 0.08 -5.81
N PHE A 255 6.10 -0.11 -4.67
CA PHE A 255 5.34 0.96 -4.05
C PHE A 255 5.72 1.17 -2.62
N ASN A 256 5.83 2.45 -2.24
CA ASN A 256 6.16 2.85 -0.86
C ASN A 256 4.89 3.35 -0.18
N PRO A 257 4.16 2.45 0.49
CA PRO A 257 2.92 2.85 1.11
C PRO A 257 3.10 3.86 2.21
N SER A 258 2.05 4.63 2.45
CA SER A 258 2.04 5.63 3.49
C SER A 258 0.56 5.89 3.79
N PHE A 259 0.04 5.16 4.77
CA PHE A 259 -1.37 5.25 5.19
C PHE A 259 -1.51 5.33 6.70
N ILE A 260 -2.63 5.85 7.17
CA ILE A 260 -2.89 6.00 8.60
C ILE A 260 -4.29 5.53 8.93
N THR A 261 -4.48 5.10 10.17
CA THR A 261 -5.79 4.67 10.65
C THR A 261 -5.71 4.59 12.18
N THR A 262 -6.60 5.31 12.85
CA THR A 262 -6.62 5.35 14.31
C THR A 262 -7.59 4.31 14.88
N LEU A 263 -7.21 3.71 16.02
CA LEU A 263 -8.03 2.69 16.67
C LEU A 263 -8.46 3.17 18.04
N SER A 264 -9.76 3.10 18.37
CA SER A 264 -10.22 3.51 19.70
C SER A 264 -10.44 2.24 20.51
N HIS A 265 -10.27 2.34 21.82
CA HIS A 265 -10.43 1.19 22.69
C HIS A 265 -11.12 1.54 23.99
N GLU A 266 -12.14 0.75 24.33
CA GLU A 266 -12.91 0.95 25.55
C GLU A 266 -12.11 0.53 26.77
N LYS A 267 -11.86 1.49 27.66
CA LYS A 267 -11.13 1.22 28.88
C LYS A 267 -11.97 0.35 29.81
N GLY A 268 -11.39 -0.77 30.23
CA GLY A 268 -12.07 -1.72 31.10
C GLY A 268 -12.74 -3.07 31.20
N SER A 269 -11.97 -4.13 31.44
CA SER A 269 -11.53 -5.52 31.19
C SER A 269 -11.33 -5.97 29.71
N SER A 270 -10.59 -5.13 28.98
CA SER A 270 -10.34 -5.24 27.55
C SER A 270 -8.84 -4.98 27.46
N ASP A 271 -8.09 -5.70 28.28
CA ASP A 271 -6.66 -5.48 28.44
C ASP A 271 -5.77 -5.54 27.18
N THR A 272 -6.10 -6.36 26.18
CA THR A 272 -5.30 -6.44 24.92
C THR A 272 -6.12 -6.80 23.67
N SER A 273 -5.70 -6.28 22.52
CA SER A 273 -6.38 -6.53 21.25
C SER A 273 -5.41 -6.92 20.15
N GLU A 274 -5.91 -7.65 19.16
CA GLU A 274 -5.08 -8.07 18.01
C GLU A 274 -5.65 -7.58 16.70
N PHE A 275 -4.76 -7.37 15.73
CA PHE A 275 -5.15 -6.89 14.41
C PHE A 275 -4.12 -7.27 13.36
N GLU A 276 -4.57 -7.43 12.12
CA GLU A 276 -3.71 -7.80 11.02
C GLU A 276 -3.49 -6.66 10.05
N ILE A 277 -2.31 -6.60 9.44
CA ILE A 277 -2.00 -5.59 8.45
C ILE A 277 -1.54 -6.30 7.18
N SER A 278 -2.22 -6.04 6.07
CA SER A 278 -1.89 -6.66 4.78
C SER A 278 -1.24 -5.69 3.80
N TYR A 279 -0.14 -6.13 3.21
CA TYR A 279 0.62 -5.40 2.20
C TYR A 279 0.76 -6.43 1.09
N GLY A 280 0.30 -6.12 -0.12
CA GLY A 280 0.41 -7.08 -1.20
C GLY A 280 0.12 -6.49 -2.54
N ARG A 281 -0.30 -7.34 -3.48
CA ARG A 281 -0.58 -6.88 -4.83
C ARG A 281 -1.41 -7.86 -5.64
N ASN A 282 -1.92 -7.35 -6.75
CA ASN A 282 -2.68 -8.11 -7.71
C ASN A 282 -1.83 -8.00 -8.95
N LEU A 283 -1.52 -9.13 -9.57
CA LEU A 283 -0.66 -9.13 -10.76
C LEU A 283 -1.39 -9.57 -12.04
N ASP A 284 -1.07 -8.89 -13.13
CA ASP A 284 -1.60 -9.23 -14.46
C ASP A 284 -0.48 -9.84 -15.27
N ILE A 285 -0.83 -10.63 -16.27
CA ILE A 285 0.17 -11.22 -17.13
C ILE A 285 -0.04 -10.62 -18.51
N THR A 286 1.05 -10.29 -19.17
CA THR A 286 0.99 -9.76 -20.51
C THR A 286 1.92 -10.61 -21.37
N TYR A 287 1.32 -11.30 -22.32
CA TYR A 287 2.05 -12.16 -23.23
C TYR A 287 2.24 -11.43 -24.54
N ALA A 288 3.46 -11.50 -25.07
CA ALA A 288 3.81 -10.85 -26.33
C ALA A 288 4.43 -11.88 -27.25
N THR A 289 3.72 -12.26 -28.31
CA THR A 289 4.23 -13.26 -29.25
C THR A 289 4.65 -12.64 -30.59
N LEU A 290 5.89 -12.89 -30.96
CA LEU A 290 6.42 -12.37 -32.20
C LEU A 290 6.16 -13.32 -33.36
N PHE A 291 5.54 -12.78 -34.41
CA PHE A 291 5.27 -13.52 -35.62
C PHE A 291 6.30 -12.92 -36.56
N PRO A 292 7.45 -13.60 -36.72
CA PRO A 292 8.51 -13.10 -37.57
C PRO A 292 7.98 -12.59 -38.89
N ARG A 293 8.60 -11.52 -39.39
CA ARG A 293 8.24 -10.92 -40.67
C ARG A 293 6.79 -10.38 -40.71
N THR A 294 6.06 -10.47 -39.59
CA THR A 294 4.69 -9.93 -39.52
C THR A 294 4.52 -8.82 -38.49
N GLY A 295 4.63 -9.17 -37.21
CA GLY A 295 4.47 -8.19 -36.13
C GLY A 295 4.44 -8.84 -34.76
N ILE A 296 3.85 -8.16 -33.79
CA ILE A 296 3.79 -8.69 -32.42
C ILE A 296 2.35 -8.80 -31.94
N TYR A 297 1.93 -10.01 -31.57
CA TYR A 297 0.57 -10.25 -31.07
C TYR A 297 0.62 -10.33 -29.56
N ALA A 298 -0.20 -9.52 -28.91
CA ALA A 298 -0.24 -9.49 -27.46
C ALA A 298 -1.60 -9.88 -26.93
N GLU A 299 -1.63 -10.34 -25.68
CA GLU A 299 -2.88 -10.70 -25.00
C GLU A 299 -2.67 -10.55 -23.49
N ARG A 300 -3.68 -10.02 -22.82
CA ARG A 300 -3.65 -9.78 -21.39
C ARG A 300 -4.43 -10.82 -20.63
N LYS A 301 -3.92 -11.18 -19.47
CA LYS A 301 -4.60 -12.09 -18.58
C LYS A 301 -4.73 -11.20 -17.34
N HIS A 302 -5.88 -10.55 -17.21
CA HIS A 302 -6.13 -9.62 -16.11
C HIS A 302 -6.45 -10.36 -14.82
N ASN A 303 -5.98 -9.81 -13.70
CA ASN A 303 -6.20 -10.42 -12.39
C ASN A 303 -5.77 -11.89 -12.33
N ALA A 304 -4.57 -12.18 -12.83
CA ALA A 304 -4.04 -13.55 -12.83
C ALA A 304 -3.70 -13.99 -11.42
N PHE A 305 -3.06 -13.08 -10.66
CA PHE A 305 -2.67 -13.35 -9.29
C PHE A 305 -3.21 -12.29 -8.34
N VAL A 306 -4.44 -12.44 -7.89
CA VAL A 306 -5.05 -11.47 -6.98
C VAL A 306 -4.76 -11.77 -5.52
N ASN A 307 -4.84 -10.73 -4.70
CA ASN A 307 -4.65 -10.83 -3.27
C ASN A 307 -3.38 -11.54 -2.77
N ARG A 308 -2.28 -11.45 -3.50
CA ARG A 308 -1.03 -12.02 -3.00
C ARG A 308 -0.49 -11.03 -1.98
N ASN A 309 -0.93 -11.22 -0.73
CA ASN A 309 -0.58 -10.34 0.37
C ASN A 309 0.20 -10.99 1.49
N PHE A 310 0.98 -10.15 2.17
CA PHE A 310 1.78 -10.52 3.32
C PHE A 310 1.08 -9.95 4.54
N VAL A 311 0.41 -10.83 5.29
CA VAL A 311 -0.36 -10.47 6.46
C VAL A 311 0.43 -10.70 7.75
N VAL A 312 0.60 -9.64 8.53
CA VAL A 312 1.32 -9.73 9.79
C VAL A 312 0.31 -9.49 10.91
N ARG A 313 0.31 -10.35 11.92
CA ARG A 313 -0.64 -10.21 13.03
C ARG A 313 0.05 -9.59 14.23
N TYR A 314 -0.47 -8.44 14.67
CA TYR A 314 0.07 -7.71 15.81
C TYR A 314 -0.87 -7.72 17.02
N GLU A 315 -0.30 -7.40 18.19
CA GLU A 315 -1.06 -7.32 19.42
C GLU A 315 -0.72 -6.03 20.16
N VAL A 316 -1.74 -5.35 20.66
CA VAL A 316 -1.55 -4.11 21.41
C VAL A 316 -1.89 -4.36 22.86
N ASN A 317 -1.02 -3.92 23.75
CA ASN A 317 -1.26 -4.07 25.17
C ASN A 317 -1.55 -2.66 25.65
N TRP A 318 -2.83 -2.30 25.60
CA TRP A 318 -3.30 -0.97 25.98
C TRP A 318 -2.84 -0.51 27.35
N LYS A 319 -2.79 -1.43 28.30
CA LYS A 319 -2.38 -1.09 29.66
C LYS A 319 -0.89 -0.72 29.69
N THR A 320 -0.04 -1.59 29.17
CA THR A 320 1.40 -1.33 29.15
C THR A 320 1.86 -0.59 27.90
N HIS A 321 0.90 0.02 27.18
CA HIS A 321 1.17 0.77 25.94
C HIS A 321 2.17 0.24 24.91
N GLU A 322 2.15 -1.07 24.70
CA GLU A 322 3.21 -1.81 24.02
C GLU A 322 2.69 -2.66 22.84
N ILE A 323 3.56 -2.94 21.86
CA ILE A 323 3.20 -3.72 20.67
C ILE A 323 4.12 -4.90 20.43
N LYS A 324 3.59 -5.98 19.86
CA LYS A 324 4.41 -7.17 19.54
C LYS A 324 3.78 -8.02 18.44
N VAL A 325 4.62 -8.67 17.65
CA VAL A 325 4.17 -9.49 16.53
C VAL A 325 3.80 -10.91 16.95
N LYS A 326 2.54 -11.29 16.76
CA LYS A 326 2.06 -12.62 17.10
C LYS A 326 2.44 -13.62 16.01
N GLY A 327 2.33 -13.22 14.74
CA GLY A 327 2.66 -14.11 13.63
C GLY A 327 2.48 -13.49 12.26
N HIS A 328 2.63 -14.30 11.22
CA HIS A 328 2.50 -13.86 9.84
C HIS A 328 2.47 -15.04 8.86
N ASN A 329 2.41 -14.73 7.57
CA ASN A 329 2.39 -15.76 6.52
C ASN A 329 3.65 -15.74 5.63
C1 PGE B . 1.57 -19.58 -29.06
O1 PGE B . 0.85 -18.58 -28.32
C2 PGE B . 0.61 -20.26 -30.03
O2 PGE B . 1.09 -21.56 -30.45
C3 PGE B . 0.40 -22.09 -31.60
C4 PGE B . -1.13 -21.88 -31.51
O4 PGE B . -4.35 -23.95 -34.02
C6 PGE B . -3.96 -22.59 -33.79
C5 PGE B . -3.23 -22.45 -32.45
O3 PGE B . -1.81 -22.41 -32.65
CL CL C . 4.74 12.24 10.49
CL CL D . 4.06 -4.48 -35.12
#